data_5YS8
#
_entry.id   5YS8
#
_cell.length_a   79.874
_cell.length_b   79.874
_cell.length_c   88.501
_cell.angle_alpha   90.00
_cell.angle_beta   90.00
_cell.angle_gamma   90.00
#
_symmetry.space_group_name_H-M   'P 42'
#
loop_
_entity.id
_entity.type
_entity.pdbx_description
1 polymer 'Succinate-Acetate Permease'
2 non-polymer 'ACETATE ION'
3 non-polymer (2S)-2,3-DIHYDROXYPROPYL(7Z)-PENTADEC-7-ENOATE
4 water water
#
_entity_poly.entity_id   1
_entity_poly.type   'polypeptide(L)'
_entity_poly.pdbx_seq_one_letter_code
;MGNTKLANPAPLGLMGFGMTTILLNLHNAGFFALDGIILAMGIFYGGIAQIFAGLLEYKKGNTFGLTAFTSYGSFWLTLV
AILLMPKMGLTEAPNAQFLGAYLGLWGVFTLFMFFGTLKAARALQFVFLSLTVLFALLAFGNIAGNEAVIHVAGWIGLVC
GASAIYLAMGEVLNEQFGRTILPIGEAHLVPR
;
_entity_poly.pdbx_strand_id   A,B,C
#
# COMPACT_ATOMS: atom_id res chain seq x y z
N LEU A 6 -15.25 7.66 14.64
CA LEU A 6 -14.36 7.68 13.49
C LEU A 6 -14.63 6.50 12.56
N ALA A 7 -14.39 6.69 11.27
CA ALA A 7 -14.68 5.67 10.28
C ALA A 7 -13.76 4.46 10.46
N ASN A 8 -14.19 3.33 9.89
CA ASN A 8 -13.41 2.10 9.91
C ASN A 8 -12.57 2.05 8.64
N PRO A 9 -11.25 2.27 8.73
CA PRO A 9 -10.43 2.29 7.50
C PRO A 9 -10.00 0.91 7.03
N ALA A 10 -10.28 -0.15 7.79
CA ALA A 10 -9.83 -1.48 7.40
C ALA A 10 -10.37 -1.92 6.04
N PRO A 11 -11.64 -1.69 5.67
CA PRO A 11 -12.07 -2.05 4.31
C PRO A 11 -11.28 -1.36 3.22
N LEU A 12 -10.78 -0.14 3.46
CA LEU A 12 -9.97 0.53 2.45
C LEU A 12 -8.64 -0.19 2.24
N GLY A 13 -7.98 -0.59 3.33
CA GLY A 13 -6.72 -1.30 3.19
C GLY A 13 -6.88 -2.72 2.68
N LEU A 14 -7.97 -3.39 3.06
CA LEU A 14 -8.20 -4.74 2.57
C LEU A 14 -8.60 -4.74 1.11
N MET A 15 -9.36 -3.73 0.67
CA MET A 15 -9.74 -3.65 -0.74
C MET A 15 -8.54 -3.31 -1.61
N GLY A 16 -7.70 -2.39 -1.17
CA GLY A 16 -6.50 -2.07 -1.93
C GLY A 16 -5.52 -3.23 -1.97
N PHE A 17 -5.35 -3.91 -0.83
CA PHE A 17 -4.50 -5.09 -0.80
C PHE A 17 -5.12 -6.22 -1.61
N GLY A 18 -6.42 -6.47 -1.44
CA GLY A 18 -7.04 -7.61 -2.09
C GLY A 18 -7.14 -7.45 -3.60
N MET A 19 -7.59 -6.28 -4.06
CA MET A 19 -7.72 -6.06 -5.50
C MET A 19 -6.37 -6.14 -6.20
N THR A 20 -5.33 -5.56 -5.59
CA THR A 20 -4.01 -5.56 -6.22
C THR A 20 -3.38 -6.96 -6.17
N THR A 21 -3.62 -7.69 -5.09
CA THR A 21 -3.07 -9.05 -4.96
C THR A 21 -3.62 -9.96 -6.04
N ILE A 22 -4.92 -9.86 -6.33
CA ILE A 22 -5.52 -10.71 -7.36
C ILE A 22 -4.90 -10.44 -8.72
N LEU A 23 -4.72 -9.16 -9.06
CA LEU A 23 -4.21 -8.81 -10.38
C LEU A 23 -2.77 -9.27 -10.56
N LEU A 24 -1.93 -9.08 -9.54
CA LEU A 24 -0.54 -9.52 -9.64
C LEU A 24 -0.47 -11.04 -9.78
N ASN A 25 -1.29 -11.77 -9.03
CA ASN A 25 -1.24 -13.22 -9.06
C ASN A 25 -2.01 -13.82 -10.23
N LEU A 26 -2.82 -13.03 -10.95
CA LEU A 26 -3.27 -13.47 -12.25
C LEU A 26 -2.11 -13.62 -13.21
N HIS A 27 -1.03 -12.85 -13.00
CA HIS A 27 0.17 -12.99 -13.80
C HIS A 27 1.03 -14.15 -13.34
N ASN A 28 1.15 -14.36 -12.02
CA ASN A 28 1.91 -15.50 -11.52
C ASN A 28 1.24 -16.82 -11.87
N ALA A 29 -0.09 -16.84 -11.94
CA ALA A 29 -0.80 -18.04 -12.35
C ALA A 29 -0.64 -18.35 -13.84
N GLY A 30 -0.08 -17.42 -14.61
CA GLY A 30 0.18 -17.64 -16.02
C GLY A 30 -0.85 -17.06 -16.97
N PHE A 31 -1.86 -16.35 -16.45
CA PHE A 31 -2.89 -15.81 -17.34
C PHE A 31 -2.35 -14.64 -18.17
N PHE A 32 -1.51 -13.80 -17.59
CA PHE A 32 -1.00 -12.63 -18.28
C PHE A 32 0.42 -12.36 -17.84
N ALA A 33 1.07 -11.43 -18.53
CA ALA A 33 2.42 -11.02 -18.20
C ALA A 33 2.39 -9.83 -17.24
N LEU A 34 3.56 -9.41 -16.79
CA LEU A 34 3.69 -8.27 -15.86
C LEU A 34 3.29 -7.01 -16.60
N ASP A 35 1.97 -6.74 -16.61
CA ASP A 35 1.43 -5.61 -17.34
C ASP A 35 1.38 -4.37 -16.44
N GLY A 36 1.16 -3.22 -17.06
CA GLY A 36 1.13 -1.95 -16.35
C GLY A 36 -0.01 -1.81 -15.37
N ILE A 37 -1.05 -2.64 -15.49
CA ILE A 37 -2.16 -2.57 -14.55
C ILE A 37 -1.72 -3.03 -13.16
N ILE A 38 -0.84 -4.02 -13.10
CA ILE A 38 -0.27 -4.43 -11.82
C ILE A 38 0.52 -3.29 -11.20
N LEU A 39 1.26 -2.56 -12.02
CA LEU A 39 2.09 -1.47 -11.50
C LEU A 39 1.25 -0.28 -11.08
N ALA A 40 0.17 0.01 -11.81
CA ALA A 40 -0.70 1.12 -11.43
C ALA A 40 -1.45 0.83 -10.14
N MET A 41 -1.95 -0.40 -9.99
CA MET A 41 -2.65 -0.78 -8.77
C MET A 41 -1.71 -0.84 -7.58
N GLY A 42 -0.46 -1.24 -7.79
CA GLY A 42 0.52 -1.30 -6.72
C GLY A 42 1.02 0.04 -6.23
N ILE A 43 0.62 1.14 -6.88
CA ILE A 43 1.06 2.46 -6.47
C ILE A 43 -0.03 3.17 -5.69
N PHE A 44 -1.21 3.29 -6.28
CA PHE A 44 -2.26 4.15 -5.75
C PHE A 44 -3.26 3.42 -4.87
N TYR A 45 -3.71 2.22 -5.26
CA TYR A 45 -4.66 1.48 -4.44
C TYR A 45 -3.94 0.57 -3.44
N GLY A 46 -3.18 -0.40 -3.95
CA GLY A 46 -2.43 -1.27 -3.07
C GLY A 46 -1.31 -0.58 -2.33
N GLY A 47 -0.94 0.62 -2.77
CA GLY A 47 0.13 1.36 -2.13
C GLY A 47 -0.34 2.56 -1.32
N ILE A 48 -0.69 3.64 -2.01
CA ILE A 48 -1.00 4.89 -1.31
C ILE A 48 -2.33 4.78 -0.56
N ALA A 49 -3.33 4.16 -1.19
CA ALA A 49 -4.63 4.03 -0.51
C ALA A 49 -4.53 3.15 0.72
N GLN A 50 -3.60 2.20 0.73
CA GLN A 50 -3.40 1.38 1.92
C GLN A 50 -2.54 2.10 2.96
N ILE A 51 -1.64 2.98 2.52
CA ILE A 51 -0.94 3.84 3.46
C ILE A 51 -1.92 4.71 4.21
N PHE A 52 -2.89 5.30 3.50
CA PHE A 52 -3.94 6.06 4.15
C PHE A 52 -4.73 5.20 5.13
N ALA A 53 -5.14 4.00 4.68
CA ALA A 53 -5.87 3.10 5.55
C ALA A 53 -5.04 2.66 6.75
N GLY A 54 -3.71 2.58 6.57
CA GLY A 54 -2.85 2.28 7.70
C GLY A 54 -2.66 3.46 8.62
N LEU A 55 -2.47 4.65 8.05
CA LEU A 55 -2.31 5.85 8.86
C LEU A 55 -3.58 6.20 9.64
N LEU A 56 -4.75 5.84 9.10
CA LEU A 56 -6.00 6.14 9.76
C LEU A 56 -6.33 5.16 10.89
N GLU A 57 -5.49 4.15 11.11
CA GLU A 57 -5.62 3.28 12.27
C GLU A 57 -4.97 3.87 13.51
N TYR A 58 -4.21 4.96 13.37
CA TYR A 58 -3.48 5.54 14.50
C TYR A 58 -4.44 6.05 15.56
N LYS A 59 -5.32 6.98 15.19
CA LYS A 59 -6.30 7.50 16.14
C LYS A 59 -7.37 6.48 16.50
N LYS A 60 -7.39 5.33 15.82
CA LYS A 60 -8.29 4.23 16.17
C LYS A 60 -7.66 3.27 17.18
N GLY A 61 -6.41 3.50 17.59
CA GLY A 61 -5.77 2.64 18.55
C GLY A 61 -5.48 1.23 18.07
N ASN A 62 -5.41 1.03 16.76
CA ASN A 62 -5.22 -0.30 16.17
C ASN A 62 -3.76 -0.42 15.74
N THR A 63 -2.92 -0.92 16.65
CA THR A 63 -1.50 -1.12 16.31
C THR A 63 -1.33 -2.16 15.21
N PHE A 64 -2.20 -3.18 15.18
CA PHE A 64 -2.13 -4.18 14.12
C PHE A 64 -2.45 -3.55 12.77
N GLY A 65 -3.58 -2.87 12.67
CA GLY A 65 -3.97 -2.27 11.40
C GLY A 65 -3.00 -1.18 10.96
N LEU A 66 -2.47 -0.42 11.91
CA LEU A 66 -1.44 0.57 11.58
C LEU A 66 -0.20 -0.12 11.02
N THR A 67 0.24 -1.20 11.68
CA THR A 67 1.43 -1.91 11.22
C THR A 67 1.17 -2.60 9.88
N ALA A 68 0.10 -3.38 9.78
CA ALA A 68 -0.13 -4.20 8.60
C ALA A 68 -0.36 -3.35 7.36
N PHE A 69 -1.41 -2.53 7.37
CA PHE A 69 -1.81 -1.82 6.17
C PHE A 69 -0.72 -0.88 5.68
N THR A 70 -0.04 -0.18 6.59
CA THR A 70 1.03 0.72 6.17
C THR A 70 2.23 -0.05 5.62
N SER A 71 2.49 -1.25 6.17
CA SER A 71 3.60 -2.05 5.66
C SER A 71 3.27 -2.65 4.30
N TYR A 72 2.10 -3.28 4.19
CA TYR A 72 1.71 -3.86 2.91
C TYR A 72 1.50 -2.78 1.86
N GLY A 73 1.05 -1.59 2.26
CA GLY A 73 1.07 -0.47 1.34
C GLY A 73 2.47 -0.07 0.96
N SER A 74 3.41 -0.18 1.89
CA SER A 74 4.82 0.06 1.57
C SER A 74 5.39 -1.07 0.74
N PHE A 75 4.89 -2.30 0.94
CA PHE A 75 5.35 -3.43 0.13
C PHE A 75 5.03 -3.21 -1.34
N TRP A 76 3.77 -2.88 -1.64
CA TRP A 76 3.37 -2.67 -3.03
C TRP A 76 4.12 -1.52 -3.67
N LEU A 77 4.43 -0.47 -2.89
CA LEU A 77 5.21 0.64 -3.42
C LEU A 77 6.63 0.20 -3.74
N THR A 78 7.24 -0.61 -2.86
CA THR A 78 8.60 -1.09 -3.11
C THR A 78 8.64 -2.04 -4.30
N LEU A 79 7.63 -2.91 -4.42
CA LEU A 79 7.62 -3.88 -5.51
C LEU A 79 7.51 -3.17 -6.87
N VAL A 80 6.76 -2.07 -6.93
CA VAL A 80 6.64 -1.33 -8.18
C VAL A 80 7.96 -0.65 -8.53
N ALA A 81 8.60 -0.02 -7.54
CA ALA A 81 9.87 0.64 -7.80
C ALA A 81 10.94 -0.36 -8.22
N ILE A 82 10.81 -1.62 -7.82
CA ILE A 82 11.74 -2.65 -8.27
C ILE A 82 11.60 -2.87 -9.77
N LEU A 83 10.37 -2.91 -10.27
CA LEU A 83 10.09 -3.25 -11.65
C LEU A 83 10.14 -2.07 -12.61
N LEU A 84 10.19 -0.84 -12.09
CA LEU A 84 10.17 0.35 -12.93
C LEU A 84 11.49 1.12 -12.95
N MET A 85 12.30 1.03 -11.89
CA MET A 85 13.59 1.70 -11.90
C MET A 85 14.50 1.25 -13.03
N PRO A 86 14.56 -0.03 -13.42
CA PRO A 86 15.33 -0.38 -14.62
C PRO A 86 14.81 0.29 -15.88
N LYS A 87 13.49 0.33 -16.07
CA LYS A 87 12.92 1.05 -17.20
C LYS A 87 13.19 2.56 -17.12
N MET A 88 13.42 3.08 -15.93
CA MET A 88 13.83 4.47 -15.77
C MET A 88 15.33 4.68 -15.97
N GLY A 89 16.09 3.60 -16.15
CA GLY A 89 17.53 3.69 -16.29
C GLY A 89 18.28 3.96 -15.01
N LEU A 90 17.63 3.81 -13.85
CA LEU A 90 18.28 4.05 -12.56
C LEU A 90 19.00 2.80 -12.05
N THR A 91 18.32 1.67 -12.06
CA THR A 91 18.87 0.39 -11.62
C THR A 91 18.83 -0.61 -12.76
N GLU A 92 19.24 -1.83 -12.47
CA GLU A 92 19.11 -2.95 -13.40
C GLU A 92 18.04 -3.91 -12.89
N ALA A 93 17.67 -4.85 -13.75
CA ALA A 93 16.64 -5.82 -13.39
C ALA A 93 17.03 -6.55 -12.11
N PRO A 94 16.09 -6.82 -11.21
CA PRO A 94 16.45 -7.36 -9.90
C PRO A 94 17.00 -8.77 -10.00
N ASN A 95 17.99 -9.07 -9.16
CA ASN A 95 18.46 -10.43 -9.01
C ASN A 95 17.33 -11.29 -8.46
N ALA A 96 16.91 -12.29 -9.23
CA ALA A 96 15.72 -13.05 -8.88
C ALA A 96 15.82 -13.67 -7.49
N GLN A 97 17.01 -14.14 -7.12
CA GLN A 97 17.18 -14.75 -5.80
C GLN A 97 17.11 -13.70 -4.69
N PHE A 98 17.53 -12.46 -4.98
CA PHE A 98 17.34 -11.38 -4.02
C PHE A 98 15.85 -11.12 -3.80
N LEU A 99 15.05 -11.20 -4.86
CA LEU A 99 13.61 -11.04 -4.74
C LEU A 99 12.98 -12.13 -3.89
N GLY A 100 13.64 -13.29 -3.75
CA GLY A 100 13.12 -14.36 -2.94
C GLY A 100 13.31 -14.12 -1.46
N ALA A 101 14.49 -13.62 -1.08
CA ALA A 101 14.70 -13.22 0.30
C ALA A 101 13.85 -12.02 0.67
N TYR A 102 13.70 -11.08 -0.27
CA TYR A 102 12.82 -9.93 -0.07
C TYR A 102 11.39 -10.39 0.21
N LEU A 103 10.86 -11.27 -0.64
CA LEU A 103 9.53 -11.83 -0.38
C LEU A 103 9.54 -12.75 0.83
N GLY A 104 10.65 -13.43 1.08
CA GLY A 104 10.73 -14.29 2.25
C GLY A 104 10.67 -13.50 3.54
N LEU A 105 11.28 -12.32 3.57
CA LEU A 105 11.15 -11.44 4.72
C LEU A 105 9.71 -10.97 4.90
N TRP A 106 9.01 -10.70 3.79
CA TRP A 106 7.60 -10.39 3.87
C TRP A 106 6.78 -11.60 4.31
N GLY A 107 7.26 -12.81 4.01
CA GLY A 107 6.61 -13.99 4.54
C GLY A 107 6.83 -14.15 6.04
N VAL A 108 8.03 -13.78 6.51
CA VAL A 108 8.28 -13.80 7.95
C VAL A 108 7.41 -12.77 8.66
N PHE A 109 7.27 -11.59 8.07
CA PHE A 109 6.38 -10.58 8.63
C PHE A 109 4.94 -11.04 8.62
N THR A 110 4.50 -11.65 7.51
CA THR A 110 3.12 -12.12 7.41
C THR A 110 2.85 -13.25 8.40
N LEU A 111 3.83 -14.13 8.61
CA LEU A 111 3.63 -15.27 9.51
C LEU A 111 3.41 -14.80 10.94
N PHE A 112 4.29 -13.92 11.44
CA PHE A 112 4.10 -13.37 12.78
C PHE A 112 2.78 -12.63 12.90
N MET A 113 2.44 -11.84 11.88
CA MET A 113 1.19 -11.08 11.93
C MET A 113 -0.03 -12.00 11.86
N PHE A 114 0.11 -13.18 11.26
CA PHE A 114 -0.99 -14.14 11.27
C PHE A 114 -1.32 -14.58 12.69
N PHE A 115 -0.29 -14.79 13.51
CA PHE A 115 -0.53 -15.13 14.92
C PHE A 115 -1.24 -14.01 15.66
N GLY A 116 -1.13 -12.77 15.19
CA GLY A 116 -1.88 -11.67 15.77
C GLY A 116 -3.34 -11.63 15.40
N THR A 117 -3.74 -12.38 14.37
CA THR A 117 -5.13 -12.40 13.91
C THR A 117 -5.98 -13.43 14.62
N LEU A 118 -5.39 -14.25 15.50
CA LEU A 118 -6.13 -15.35 16.11
C LEU A 118 -7.37 -14.85 16.84
N LYS A 119 -7.23 -13.80 17.64
CA LYS A 119 -8.38 -13.21 18.32
C LYS A 119 -9.02 -12.08 17.52
N ALA A 120 -9.07 -12.25 16.20
CA ALA A 120 -9.79 -11.36 15.30
C ALA A 120 -10.80 -12.18 14.50
N ALA A 121 -11.33 -11.57 13.44
CA ALA A 121 -12.25 -12.30 12.56
C ALA A 121 -11.52 -13.44 11.87
N ARG A 122 -12.18 -14.61 11.83
CA ARG A 122 -11.56 -15.78 11.20
C ARG A 122 -11.31 -15.57 9.72
N ALA A 123 -12.06 -14.67 9.07
CA ALA A 123 -11.73 -14.29 7.71
C ALA A 123 -10.38 -13.60 7.63
N LEU A 124 -10.06 -12.75 8.62
CA LEU A 124 -8.76 -12.12 8.67
C LEU A 124 -7.66 -13.15 8.94
N GLN A 125 -7.95 -14.18 9.74
CA GLN A 125 -6.98 -15.24 9.95
C GLN A 125 -6.73 -16.01 8.66
N PHE A 126 -7.78 -16.25 7.88
CA PHE A 126 -7.61 -16.92 6.59
C PHE A 126 -6.87 -16.03 5.60
N VAL A 127 -6.99 -14.71 5.74
CA VAL A 127 -6.25 -13.81 4.86
C VAL A 127 -4.76 -13.88 5.17
N PHE A 128 -4.40 -13.76 6.44
CA PHE A 128 -2.99 -13.75 6.82
C PHE A 128 -2.34 -15.12 6.72
N LEU A 129 -3.12 -16.21 6.82
CA LEU A 129 -2.54 -17.53 6.62
C LEU A 129 -2.30 -17.80 5.14
N SER A 130 -3.28 -17.50 4.29
CA SER A 130 -3.10 -17.65 2.86
C SER A 130 -2.03 -16.69 2.34
N LEU A 131 -1.94 -15.49 2.91
CA LEU A 131 -0.89 -14.56 2.50
C LEU A 131 0.49 -15.08 2.88
N THR A 132 0.60 -15.74 4.04
CA THR A 132 1.86 -16.38 4.41
C THR A 132 2.23 -17.47 3.41
N VAL A 133 1.25 -18.27 3.01
CA VAL A 133 1.49 -19.28 1.99
C VAL A 133 1.75 -18.63 0.64
N LEU A 134 1.10 -17.49 0.38
CA LEU A 134 1.34 -16.78 -0.88
C LEU A 134 2.78 -16.27 -0.97
N PHE A 135 3.23 -15.55 0.05
CA PHE A 135 4.61 -15.05 0.06
C PHE A 135 5.61 -16.20 0.06
N ALA A 136 5.29 -17.31 0.73
CA ALA A 136 6.24 -18.41 0.83
C ALA A 136 6.51 -19.05 -0.52
N LEU A 137 5.45 -19.44 -1.23
CA LEU A 137 5.63 -20.09 -2.53
C LEU A 137 6.17 -19.12 -3.57
N LEU A 138 5.90 -17.82 -3.41
CA LEU A 138 6.52 -16.83 -4.28
C LEU A 138 8.01 -16.72 -4.00
N ALA A 139 8.43 -16.97 -2.76
CA ALA A 139 9.85 -16.92 -2.42
C ALA A 139 10.59 -18.14 -2.95
N PHE A 140 10.08 -19.34 -2.65
CA PHE A 140 10.77 -20.56 -3.06
C PHE A 140 10.78 -20.70 -4.58
N GLY A 141 9.63 -20.53 -5.21
CA GLY A 141 9.54 -20.69 -6.66
C GLY A 141 10.42 -19.72 -7.43
N ASN A 142 10.72 -18.56 -6.83
CA ASN A 142 11.58 -17.57 -7.47
C ASN A 142 13.04 -17.75 -7.12
N ILE A 143 13.34 -18.23 -5.90
CA ILE A 143 14.73 -18.51 -5.54
C ILE A 143 15.29 -19.64 -6.40
N ALA A 144 14.56 -20.76 -6.48
CA ALA A 144 14.99 -21.89 -7.27
C ALA A 144 14.64 -21.76 -8.75
N GLY A 145 13.84 -20.75 -9.12
CA GLY A 145 13.42 -20.63 -10.50
C GLY A 145 12.42 -21.66 -10.95
N ASN A 146 11.66 -22.23 -10.01
CA ASN A 146 10.69 -23.29 -10.32
C ASN A 146 9.38 -22.62 -10.71
N GLU A 147 9.12 -22.53 -12.02
CA GLU A 147 7.93 -21.84 -12.51
C GLU A 147 6.64 -22.53 -12.10
N ALA A 148 6.68 -23.82 -11.76
CA ALA A 148 5.46 -24.54 -11.41
C ALA A 148 4.88 -24.02 -10.11
N VAL A 149 5.69 -23.93 -9.05
CA VAL A 149 5.18 -23.44 -7.77
C VAL A 149 4.84 -21.96 -7.86
N ILE A 150 5.54 -21.21 -8.71
CA ILE A 150 5.14 -19.83 -8.99
C ILE A 150 3.71 -19.81 -9.53
N HIS A 151 3.37 -20.75 -10.41
CA HIS A 151 1.99 -20.88 -10.87
C HIS A 151 1.08 -21.33 -9.74
N VAL A 152 1.55 -22.24 -8.90
CA VAL A 152 0.77 -22.66 -7.74
C VAL A 152 0.64 -21.51 -6.74
N ALA A 153 1.70 -20.71 -6.60
CA ALA A 153 1.61 -19.51 -5.77
C ALA A 153 0.59 -18.52 -6.33
N GLY A 154 0.46 -18.47 -7.65
CA GLY A 154 -0.54 -17.58 -8.24
C GLY A 154 -1.96 -17.95 -7.85
N TRP A 155 -2.26 -19.25 -7.79
CA TRP A 155 -3.60 -19.67 -7.42
C TRP A 155 -3.87 -19.42 -5.95
N ILE A 156 -2.87 -19.61 -5.09
CA ILE A 156 -3.04 -19.33 -3.66
C ILE A 156 -3.34 -17.86 -3.45
N GLY A 157 -2.67 -16.98 -4.19
CA GLY A 157 -2.89 -15.56 -4.03
C GLY A 157 -4.26 -15.11 -4.51
N LEU A 158 -4.76 -15.74 -5.57
CA LEU A 158 -6.11 -15.43 -6.04
C LEU A 158 -7.14 -15.72 -4.95
N VAL A 159 -6.89 -16.72 -4.11
CA VAL A 159 -7.76 -16.97 -2.96
C VAL A 159 -7.48 -15.98 -1.85
N CYS A 160 -6.20 -15.66 -1.62
CA CYS A 160 -5.83 -14.73 -0.56
C CYS A 160 -6.39 -13.33 -0.85
N GLY A 161 -6.25 -12.87 -2.09
CA GLY A 161 -6.83 -11.58 -2.45
C GLY A 161 -8.35 -11.58 -2.43
N ALA A 162 -8.96 -12.71 -2.80
CA ALA A 162 -10.42 -12.79 -2.78
C ALA A 162 -10.96 -12.79 -1.37
N SER A 163 -10.26 -13.45 -0.44
CA SER A 163 -10.71 -13.47 0.94
C SER A 163 -10.52 -12.11 1.61
N ALA A 164 -9.53 -11.33 1.16
CA ALA A 164 -9.34 -9.99 1.70
C ALA A 164 -10.44 -9.04 1.23
N ILE A 165 -10.84 -9.16 -0.04
CA ILE A 165 -11.96 -8.38 -0.54
C ILE A 165 -13.25 -8.81 0.14
N TYR A 166 -13.44 -10.13 0.35
CA TYR A 166 -14.63 -10.62 1.03
C TYR A 166 -14.70 -10.07 2.45
N LEU A 167 -13.58 -10.02 3.16
CA LEU A 167 -13.57 -9.50 4.52
C LEU A 167 -13.83 -8.00 4.54
N ALA A 168 -13.26 -7.27 3.58
CA ALA A 168 -13.51 -5.83 3.49
C ALA A 168 -14.98 -5.54 3.29
N MET A 169 -15.60 -6.21 2.33
CA MET A 169 -17.02 -6.03 2.09
C MET A 169 -17.89 -6.66 3.17
N GLY A 170 -17.36 -7.67 3.87
CA GLY A 170 -18.04 -8.15 5.06
C GLY A 170 -18.10 -7.11 6.16
N GLU A 171 -17.02 -6.34 6.33
CA GLU A 171 -17.02 -5.29 7.33
C GLU A 171 -17.88 -4.11 6.92
N VAL A 172 -17.97 -3.82 5.62
CA VAL A 172 -18.77 -2.69 5.16
C VAL A 172 -20.25 -2.96 5.38
N LEU A 173 -20.73 -4.13 4.93
CA LEU A 173 -22.16 -4.42 5.02
C LEU A 173 -22.62 -4.63 6.45
N ASN A 174 -21.76 -5.17 7.32
CA ASN A 174 -22.16 -5.39 8.71
C ASN A 174 -22.37 -4.08 9.45
N GLU A 175 -21.68 -3.01 9.03
CA GLU A 175 -21.92 -1.72 9.65
C GLU A 175 -23.07 -0.97 8.97
N GLN A 176 -23.23 -1.15 7.66
CA GLN A 176 -24.31 -0.47 6.94
C GLN A 176 -25.68 -1.02 7.32
N PHE A 177 -25.75 -2.29 7.69
CA PHE A 177 -27.02 -2.91 8.05
C PHE A 177 -27.19 -3.15 9.55
N GLY A 178 -26.15 -2.91 10.36
CA GLY A 178 -26.22 -3.19 11.78
C GLY A 178 -26.41 -4.65 12.15
N ARG A 179 -26.26 -5.57 11.19
CA ARG A 179 -26.37 -6.99 11.47
C ARG A 179 -25.37 -7.73 10.59
N THR A 180 -24.93 -8.89 11.07
CA THR A 180 -23.93 -9.66 10.33
C THR A 180 -24.50 -10.16 9.01
N ILE A 181 -24.27 -9.40 7.93
CA ILE A 181 -24.76 -9.80 6.62
C ILE A 181 -23.86 -10.88 6.02
N LEU A 182 -22.57 -10.61 5.96
CA LEU A 182 -21.59 -11.62 5.53
C LEU A 182 -20.83 -12.11 6.75
N PRO A 183 -20.97 -13.37 7.15
CA PRO A 183 -20.25 -13.87 8.32
C PRO A 183 -18.75 -13.90 8.07
N ILE A 184 -18.00 -13.12 8.85
CA ILE A 184 -16.56 -13.03 8.72
C ILE A 184 -15.86 -13.78 9.84
N GLY A 185 -16.56 -14.67 10.52
CA GLY A 185 -16.00 -15.32 11.70
C GLY A 185 -15.73 -14.34 12.82
N GLU A 186 -16.56 -13.31 12.97
CA GLU A 186 -16.33 -12.25 13.94
C GLU A 186 -16.32 -12.80 15.36
N ALA A 187 -15.17 -12.67 16.02
CA ALA A 187 -15.01 -13.17 17.37
C ALA A 187 -15.85 -12.38 18.36
N LEU B 6 -4.18 6.08 21.59
CA LEU B 6 -3.61 6.04 20.25
C LEU B 6 -2.78 4.78 20.05
N ALA B 7 -2.72 4.31 18.80
CA ALA B 7 -1.99 3.09 18.48
C ALA B 7 -0.49 3.29 18.68
N ASN B 8 0.25 2.18 18.66
CA ASN B 8 1.68 2.20 18.84
C ASN B 8 2.36 2.19 17.48
N PRO B 9 3.05 3.26 17.08
CA PRO B 9 3.71 3.28 15.77
C PRO B 9 5.08 2.62 15.74
N ALA B 10 5.60 2.19 16.89
CA ALA B 10 6.93 1.58 16.91
C ALA B 10 7.03 0.31 16.08
N PRO B 11 6.09 -0.63 16.11
CA PRO B 11 6.23 -1.82 15.26
C PRO B 11 6.30 -1.51 13.77
N LEU B 12 5.61 -0.47 13.31
CA LEU B 12 5.67 -0.10 11.91
C LEU B 12 7.05 0.41 11.53
N GLY B 13 7.64 1.26 12.39
CA GLY B 13 8.96 1.80 12.09
C GLY B 13 10.07 0.78 12.24
N LEU B 14 9.98 -0.06 13.26
CA LEU B 14 11.00 -1.10 13.45
C LEU B 14 10.96 -2.14 12.33
N MET B 15 9.77 -2.42 11.81
CA MET B 15 9.66 -3.36 10.70
C MET B 15 10.29 -2.81 9.43
N GLY B 16 9.96 -1.55 9.10
CA GLY B 16 10.56 -0.94 7.92
C GLY B 16 12.06 -0.81 8.04
N PHE B 17 12.54 -0.42 9.22
CA PHE B 17 13.98 -0.35 9.43
C PHE B 17 14.61 -1.74 9.50
N GLY B 18 13.91 -2.70 10.12
CA GLY B 18 14.47 -4.03 10.29
C GLY B 18 14.58 -4.79 8.99
N MET B 19 13.55 -4.73 8.15
CA MET B 19 13.59 -5.43 6.87
C MET B 19 14.62 -4.82 5.93
N THR B 20 14.66 -3.49 5.84
CA THR B 20 15.63 -2.83 4.97
C THR B 20 17.05 -3.03 5.48
N THR B 21 17.23 -3.21 6.79
CA THR B 21 18.56 -3.49 7.33
C THR B 21 19.05 -4.86 6.86
N ILE B 22 18.20 -5.88 6.93
CA ILE B 22 18.58 -7.21 6.48
C ILE B 22 18.89 -7.19 4.98
N LEU B 23 18.02 -6.56 4.20
CA LEU B 23 18.21 -6.56 2.75
C LEU B 23 19.46 -5.80 2.35
N LEU B 24 19.75 -4.68 3.02
CA LEU B 24 20.98 -3.96 2.74
C LEU B 24 22.19 -4.82 3.07
N ASN B 25 22.21 -5.42 4.26
CA ASN B 25 23.36 -6.19 4.70
C ASN B 25 23.45 -7.57 4.05
N LEU B 26 22.40 -8.01 3.36
CA LEU B 26 22.56 -9.16 2.47
C LEU B 26 23.50 -8.84 1.32
N HIS B 27 23.66 -7.55 1.00
CA HIS B 27 24.69 -7.10 0.07
C HIS B 27 26.01 -6.81 0.80
N ASN B 28 25.93 -6.28 2.02
CA ASN B 28 27.14 -6.05 2.80
C ASN B 28 27.83 -7.36 3.18
N ALA B 29 27.05 -8.44 3.35
CA ALA B 29 27.62 -9.74 3.61
C ALA B 29 28.23 -10.39 2.37
N GLY B 30 28.02 -9.80 1.19
CA GLY B 30 28.60 -10.31 -0.03
C GLY B 30 27.72 -11.24 -0.83
N PHE B 31 26.50 -11.54 -0.35
CA PHE B 31 25.64 -12.46 -1.08
C PHE B 31 25.18 -11.89 -2.42
N PHE B 32 24.84 -10.60 -2.44
CA PHE B 32 24.31 -9.97 -3.65
C PHE B 32 24.95 -8.61 -3.82
N ALA B 33 24.80 -8.06 -5.02
CA ALA B 33 25.22 -6.70 -5.30
C ALA B 33 24.20 -5.71 -4.76
N LEU B 34 24.62 -4.45 -4.66
CA LEU B 34 23.74 -3.40 -4.17
C LEU B 34 22.56 -3.23 -5.13
N ASP B 35 21.48 -3.94 -4.86
CA ASP B 35 20.39 -4.09 -5.82
C ASP B 35 19.41 -2.93 -5.71
N GLY B 36 18.51 -2.85 -6.70
CA GLY B 36 17.38 -1.94 -6.61
C GLY B 36 16.34 -2.35 -5.61
N ILE B 37 16.41 -3.58 -5.10
CA ILE B 37 15.50 -4.00 -4.03
C ILE B 37 15.84 -3.26 -2.74
N ILE B 38 17.13 -3.03 -2.48
CA ILE B 38 17.52 -2.28 -1.30
C ILE B 38 17.15 -0.80 -1.45
N LEU B 39 17.23 -0.27 -2.66
CA LEU B 39 16.88 1.13 -2.88
C LEU B 39 15.39 1.37 -2.72
N ALA B 40 14.56 0.49 -3.29
CA ALA B 40 13.11 0.64 -3.15
C ALA B 40 12.68 0.48 -1.70
N MET B 41 13.22 -0.53 -1.01
CA MET B 41 12.90 -0.73 0.40
C MET B 41 13.43 0.41 1.25
N GLY B 42 14.50 1.09 0.81
CA GLY B 42 15.00 2.23 1.54
C GLY B 42 14.15 3.48 1.38
N ILE B 43 13.43 3.59 0.27
CA ILE B 43 12.61 4.77 0.04
C ILE B 43 11.34 4.72 0.87
N PHE B 44 10.54 3.68 0.68
CA PHE B 44 9.18 3.63 1.19
C PHE B 44 9.07 2.93 2.55
N TYR B 45 9.61 1.73 2.68
CA TYR B 45 9.45 0.99 3.94
C TYR B 45 10.46 1.46 4.98
N GLY B 46 11.75 1.34 4.68
CA GLY B 46 12.77 1.80 5.60
C GLY B 46 12.82 3.31 5.76
N GLY B 47 12.29 4.04 4.78
CA GLY B 47 12.35 5.49 4.75
C GLY B 47 11.01 6.08 5.16
N ILE B 48 10.10 6.23 4.19
CA ILE B 48 8.89 7.01 4.40
C ILE B 48 7.99 6.36 5.45
N ALA B 49 7.88 5.02 5.43
CA ALA B 49 7.09 4.35 6.45
C ALA B 49 7.67 4.58 7.84
N GLN B 50 8.99 4.75 7.94
CA GLN B 50 9.60 5.09 9.21
C GLN B 50 9.47 6.58 9.50
N ILE B 51 9.37 7.42 8.45
CA ILE B 51 9.06 8.83 8.66
C ILE B 51 7.67 8.98 9.23
N PHE B 52 6.70 8.24 8.69
CA PHE B 52 5.36 8.24 9.25
C PHE B 52 5.36 7.77 10.70
N ALA B 53 6.05 6.65 10.97
CA ALA B 53 6.08 6.11 12.32
C ALA B 53 6.74 7.08 13.30
N GLY B 54 7.71 7.87 12.84
CA GLY B 54 8.31 8.85 13.73
C GLY B 54 7.38 9.99 14.06
N LEU B 55 6.72 10.55 13.04
CA LEU B 55 5.79 11.66 13.27
C LEU B 55 4.62 11.23 14.15
N LEU B 56 4.18 9.97 14.04
CA LEU B 56 3.08 9.50 14.88
C LEU B 56 3.44 9.53 16.36
N GLU B 57 4.73 9.42 16.69
CA GLU B 57 5.18 9.49 18.07
C GLU B 57 5.05 10.87 18.67
N TYR B 58 4.76 11.89 17.86
CA TYR B 58 4.67 13.26 18.38
C TYR B 58 3.51 13.40 19.35
N LYS B 59 2.31 13.00 18.93
CA LYS B 59 1.16 13.04 19.84
C LYS B 59 1.26 11.99 20.93
N LYS B 60 2.12 10.99 20.77
CA LYS B 60 2.35 9.99 21.82
C LYS B 60 3.22 10.51 22.94
N GLY B 61 3.80 11.70 22.80
CA GLY B 61 4.69 12.24 23.82
C GLY B 61 6.03 11.56 23.90
N ASN B 62 6.49 10.95 22.82
CA ASN B 62 7.73 10.19 22.78
C ASN B 62 8.76 11.00 22.00
N THR B 63 9.57 11.78 22.73
CA THR B 63 10.64 12.54 22.09
C THR B 63 11.66 11.60 21.46
N PHE B 64 11.95 10.48 22.12
CA PHE B 64 12.92 9.53 21.60
C PHE B 64 12.42 8.89 20.30
N GLY B 65 11.18 8.40 20.30
CA GLY B 65 10.63 7.78 19.12
C GLY B 65 10.43 8.75 17.97
N LEU B 66 10.09 10.01 18.29
CA LEU B 66 10.00 11.03 17.25
C LEU B 66 11.38 11.33 16.66
N THR B 67 12.42 11.29 17.50
CA THR B 67 13.77 11.58 17.01
C THR B 67 14.36 10.38 16.29
N ALA B 68 14.15 9.17 16.80
CA ALA B 68 14.80 7.99 16.24
C ALA B 68 14.22 7.63 14.87
N PHE B 69 12.93 7.30 14.83
CA PHE B 69 12.33 6.80 13.59
C PHE B 69 12.41 7.83 12.47
N THR B 70 12.19 9.11 12.79
CA THR B 70 12.26 10.14 11.76
C THR B 70 13.68 10.35 11.26
N SER B 71 14.68 10.07 12.10
CA SER B 71 16.07 10.20 11.67
C SER B 71 16.50 9.03 10.79
N TYR B 72 16.31 7.80 11.29
CA TYR B 72 16.68 6.63 10.50
C TYR B 72 15.82 6.51 9.25
N GLY B 73 14.56 6.96 9.31
CA GLY B 73 13.76 7.03 8.11
C GLY B 73 14.32 8.03 7.11
N SER B 74 14.87 9.15 7.61
CA SER B 74 15.54 10.09 6.73
C SER B 74 16.88 9.53 6.25
N PHE B 75 17.53 8.70 7.07
CA PHE B 75 18.79 8.09 6.67
C PHE B 75 18.61 7.24 5.41
N TRP B 76 17.64 6.33 5.43
CA TRP B 76 17.37 5.52 4.25
C TRP B 76 17.00 6.38 3.05
N LEU B 77 16.37 7.53 3.30
CA LEU B 77 16.06 8.45 2.19
C LEU B 77 17.32 9.13 1.68
N THR B 78 18.22 9.52 2.58
CA THR B 78 19.47 10.13 2.13
C THR B 78 20.36 9.10 1.44
N LEU B 79 20.43 7.88 1.97
CA LEU B 79 21.27 6.85 1.37
C LEU B 79 20.83 6.53 -0.05
N VAL B 80 19.53 6.44 -0.30
CA VAL B 80 19.04 6.15 -1.64
C VAL B 80 19.37 7.30 -2.59
N ALA B 81 19.25 8.54 -2.11
CA ALA B 81 19.62 9.69 -2.93
C ALA B 81 21.11 9.72 -3.21
N ILE B 82 21.92 9.19 -2.30
CA ILE B 82 23.37 9.15 -2.52
C ILE B 82 23.71 8.22 -3.68
N LEU B 83 23.00 7.10 -3.81
CA LEU B 83 23.30 6.09 -4.81
C LEU B 83 22.54 6.29 -6.12
N LEU B 84 21.54 7.17 -6.14
CA LEU B 84 20.71 7.35 -7.34
C LEU B 84 20.92 8.69 -8.04
N MET B 85 21.39 9.71 -7.33
CA MET B 85 21.66 10.99 -8.00
C MET B 85 22.70 10.88 -9.11
N PRO B 86 23.78 10.10 -8.99
CA PRO B 86 24.68 9.95 -10.15
C PRO B 86 24.00 9.37 -11.38
N LYS B 87 23.06 8.44 -11.19
CA LYS B 87 22.36 7.84 -12.32
C LYS B 87 21.46 8.83 -13.04
N MET B 88 21.23 10.01 -12.47
CA MET B 88 20.43 11.04 -13.11
C MET B 88 21.28 12.17 -13.69
N GLY B 89 22.61 12.08 -13.59
CA GLY B 89 23.46 13.14 -14.07
C GLY B 89 23.57 14.34 -13.15
N LEU B 90 23.17 14.18 -11.88
CA LEU B 90 23.23 15.28 -10.92
C LEU B 90 24.50 15.28 -10.10
N THR B 91 25.08 14.10 -9.84
CA THR B 91 26.12 13.96 -8.84
C THR B 91 27.18 12.99 -9.34
N GLU B 92 28.40 13.17 -8.86
CA GLU B 92 29.45 12.17 -9.03
C GLU B 92 29.20 10.98 -8.11
N ALA B 93 29.99 9.93 -8.29
CA ALA B 93 29.94 8.81 -7.37
C ALA B 93 30.35 9.29 -5.98
N PRO B 94 29.71 8.78 -4.91
CA PRO B 94 30.06 9.25 -3.57
C PRO B 94 31.45 8.80 -3.17
N ASN B 95 32.16 9.68 -2.46
CA ASN B 95 33.50 9.36 -1.98
C ASN B 95 33.43 8.32 -0.87
N ALA B 96 34.32 7.33 -0.93
CA ALA B 96 34.30 6.26 0.06
C ALA B 96 34.67 6.76 1.45
N GLN B 97 35.58 7.73 1.52
CA GLN B 97 35.93 8.31 2.82
C GLN B 97 34.85 9.25 3.31
N PHE B 98 34.21 9.98 2.38
CA PHE B 98 33.09 10.84 2.77
C PHE B 98 31.92 10.00 3.26
N LEU B 99 31.57 8.94 2.54
CA LEU B 99 30.46 8.08 2.94
C LEU B 99 30.72 7.44 4.30
N GLY B 100 31.97 7.19 4.64
CA GLY B 100 32.28 6.63 5.94
C GLY B 100 32.03 7.61 7.07
N ALA B 101 32.42 8.88 6.88
CA ALA B 101 32.10 9.91 7.85
C ALA B 101 30.59 10.09 7.98
N TYR B 102 29.89 10.04 6.85
CA TYR B 102 28.43 10.07 6.88
C TYR B 102 27.85 8.90 7.66
N LEU B 103 28.42 7.71 7.47
CA LEU B 103 28.02 6.56 8.28
C LEU B 103 28.45 6.71 9.72
N GLY B 104 29.60 7.36 9.96
CA GLY B 104 30.04 7.56 11.33
C GLY B 104 29.14 8.51 12.10
N LEU B 105 28.69 9.59 11.45
CA LEU B 105 27.77 10.51 12.11
C LEU B 105 26.45 9.83 12.46
N TRP B 106 25.97 8.94 11.59
CA TRP B 106 24.81 8.14 11.95
C TRP B 106 25.13 7.15 13.06
N GLY B 107 26.38 6.70 13.13
CA GLY B 107 26.78 5.86 14.26
C GLY B 107 26.94 6.64 15.54
N VAL B 108 27.43 7.89 15.44
CA VAL B 108 27.52 8.75 16.62
C VAL B 108 26.12 9.06 17.14
N PHE B 109 25.20 9.43 16.24
CA PHE B 109 23.82 9.67 16.64
C PHE B 109 23.21 8.41 17.24
N THR B 110 23.44 7.25 16.62
CA THR B 110 22.91 6.00 17.14
C THR B 110 23.52 5.66 18.50
N LEU B 111 24.78 6.04 18.72
CA LEU B 111 25.44 5.72 19.98
C LEU B 111 24.76 6.43 21.16
N PHE B 112 24.49 7.74 21.02
CA PHE B 112 23.82 8.47 22.07
C PHE B 112 22.40 7.95 22.29
N MET B 113 21.70 7.62 21.22
CA MET B 113 20.35 7.10 21.35
C MET B 113 20.33 5.73 22.02
N PHE B 114 21.43 4.97 21.90
CA PHE B 114 21.50 3.67 22.56
C PHE B 114 21.43 3.82 24.07
N PHE B 115 22.09 4.84 24.62
CA PHE B 115 21.99 5.11 26.05
C PHE B 115 20.60 5.57 26.45
N GLY B 116 19.82 6.10 25.50
CA GLY B 116 18.44 6.45 25.79
C GLY B 116 17.54 5.25 25.98
N THR B 117 17.98 4.07 25.57
CA THR B 117 17.22 2.84 25.73
C THR B 117 17.58 2.07 27.00
N LEU B 118 18.44 2.64 27.85
CA LEU B 118 18.89 1.93 29.04
C LEU B 118 17.76 1.67 30.03
N LYS B 119 16.66 2.41 29.95
CA LYS B 119 15.51 2.22 30.81
C LYS B 119 14.29 1.72 30.04
N ALA B 120 14.52 1.01 28.95
CA ALA B 120 13.46 0.48 28.10
C ALA B 120 13.61 -1.04 27.98
N ALA B 121 12.88 -1.62 27.03
CA ALA B 121 12.86 -3.06 26.88
C ALA B 121 14.23 -3.58 26.44
N ARG B 122 14.59 -4.76 26.94
CA ARG B 122 15.89 -5.36 26.63
C ARG B 122 16.04 -5.66 25.14
N ALA B 123 14.93 -5.78 24.40
CA ALA B 123 15.03 -5.99 22.97
C ALA B 123 15.34 -4.71 22.22
N LEU B 124 14.84 -3.56 22.69
CA LEU B 124 15.19 -2.30 22.07
C LEU B 124 16.66 -1.96 22.31
N GLN B 125 17.21 -2.36 23.46
CA GLN B 125 18.62 -2.11 23.73
C GLN B 125 19.50 -2.89 22.76
N PHE B 126 19.11 -4.11 22.40
CA PHE B 126 19.88 -4.88 21.43
C PHE B 126 19.82 -4.26 20.03
N VAL B 127 18.68 -3.64 19.69
CA VAL B 127 18.53 -3.03 18.37
C VAL B 127 19.51 -1.86 18.22
N PHE B 128 19.53 -0.96 19.20
CA PHE B 128 20.42 0.19 19.12
C PHE B 128 21.87 -0.19 19.37
N LEU B 129 22.12 -1.27 20.11
CA LEU B 129 23.49 -1.70 20.35
C LEU B 129 24.10 -2.28 19.07
N SER B 130 23.37 -3.15 18.39
CA SER B 130 23.87 -3.74 17.16
C SER B 130 23.92 -2.73 16.03
N LEU B 131 22.98 -1.79 15.99
CA LEU B 131 22.98 -0.78 14.95
C LEU B 131 24.17 0.17 15.08
N THR B 132 24.61 0.44 16.32
CA THR B 132 25.80 1.24 16.51
C THR B 132 27.04 0.51 16.00
N VAL B 133 27.15 -0.78 16.30
CA VAL B 133 28.24 -1.58 15.75
C VAL B 133 28.07 -1.73 14.25
N LEU B 134 26.83 -1.80 13.76
CA LEU B 134 26.59 -1.87 12.32
C LEU B 134 27.10 -0.62 11.61
N PHE B 135 26.74 0.55 12.13
CA PHE B 135 27.21 1.80 11.54
C PHE B 135 28.73 1.92 11.65
N ALA B 136 29.30 1.54 12.80
CA ALA B 136 30.73 1.69 13.02
C ALA B 136 31.53 0.84 12.03
N LEU B 137 31.16 -0.43 11.89
CA LEU B 137 31.86 -1.30 10.96
C LEU B 137 31.66 -0.84 9.52
N LEU B 138 30.47 -0.35 9.18
CA LEU B 138 30.24 0.19 7.84
C LEU B 138 31.00 1.50 7.65
N ALA B 139 31.09 2.32 8.71
CA ALA B 139 31.87 3.55 8.61
C ALA B 139 33.35 3.25 8.48
N PHE B 140 33.87 2.36 9.33
CA PHE B 140 35.28 2.00 9.27
C PHE B 140 35.61 1.30 7.94
N GLY B 141 34.73 0.40 7.50
CA GLY B 141 34.99 -0.31 6.25
C GLY B 141 34.94 0.58 5.02
N ASN B 142 34.17 1.67 5.09
CA ASN B 142 34.08 2.58 3.94
C ASN B 142 35.25 3.56 3.91
N ILE B 143 35.66 4.08 5.08
CA ILE B 143 36.80 4.99 5.12
C ILE B 143 38.09 4.26 4.78
N ALA B 144 38.28 3.08 5.36
CA ALA B 144 39.50 2.32 5.13
C ALA B 144 39.47 1.52 3.82
N GLY B 145 38.29 1.23 3.31
CA GLY B 145 38.19 0.37 2.13
C GLY B 145 38.48 -1.08 2.44
N ASN B 146 37.93 -1.59 3.55
CA ASN B 146 38.22 -2.93 4.04
C ASN B 146 37.04 -3.83 3.69
N GLU B 147 37.26 -4.73 2.72
CA GLU B 147 36.20 -5.64 2.29
C GLU B 147 35.77 -6.56 3.42
N ALA B 148 36.71 -7.00 4.25
CA ALA B 148 36.37 -7.92 5.33
C ALA B 148 35.51 -7.25 6.39
N VAL B 149 35.81 -5.99 6.73
CA VAL B 149 35.00 -5.29 7.71
C VAL B 149 33.59 -5.06 7.19
N ILE B 150 33.45 -4.81 5.89
CA ILE B 150 32.12 -4.70 5.30
C ILE B 150 31.38 -6.04 5.40
N HIS B 151 32.11 -7.14 5.25
CA HIS B 151 31.48 -8.47 5.39
C HIS B 151 31.02 -8.71 6.81
N VAL B 152 31.85 -8.36 7.81
CA VAL B 152 31.45 -8.51 9.19
C VAL B 152 30.28 -7.59 9.52
N ALA B 153 30.27 -6.39 8.94
CA ALA B 153 29.17 -5.47 9.15
C ALA B 153 27.85 -6.05 8.64
N GLY B 154 27.90 -6.78 7.52
CA GLY B 154 26.69 -7.39 7.01
C GLY B 154 26.08 -8.38 7.99
N TRP B 155 26.90 -9.22 8.59
CA TRP B 155 26.41 -10.18 9.57
C TRP B 155 25.87 -9.46 10.81
N ILE B 156 26.52 -8.37 11.20
CA ILE B 156 25.99 -7.54 12.28
C ILE B 156 24.63 -6.96 11.88
N GLY B 157 24.50 -6.55 10.62
CA GLY B 157 23.25 -5.95 10.19
C GLY B 157 22.13 -6.96 9.99
N LEU B 158 22.47 -8.16 9.52
CA LEU B 158 21.46 -9.20 9.38
C LEU B 158 20.79 -9.51 10.71
N VAL B 159 21.61 -9.65 11.77
CA VAL B 159 21.06 -9.93 13.09
C VAL B 159 20.34 -8.70 13.64
N CYS B 160 20.88 -7.51 13.39
CA CYS B 160 20.25 -6.29 13.87
C CYS B 160 18.87 -6.10 13.25
N GLY B 161 18.76 -6.28 11.94
CA GLY B 161 17.46 -6.17 11.29
C GLY B 161 16.51 -7.28 11.66
N ALA B 162 17.04 -8.49 11.90
CA ALA B 162 16.18 -9.60 12.31
C ALA B 162 15.67 -9.40 13.72
N SER B 163 16.51 -8.86 14.61
CA SER B 163 16.06 -8.60 15.97
C SER B 163 15.06 -7.44 16.02
N ALA B 164 15.23 -6.44 15.16
CA ALA B 164 14.27 -5.35 15.11
C ALA B 164 12.90 -5.87 14.67
N ILE B 165 12.87 -6.85 13.77
CA ILE B 165 11.61 -7.48 13.40
C ILE B 165 11.01 -8.21 14.59
N TYR B 166 11.85 -8.88 15.38
CA TYR B 166 11.35 -9.59 16.56
C TYR B 166 10.74 -8.63 17.57
N LEU B 167 11.41 -7.50 17.80
CA LEU B 167 10.87 -6.51 18.73
C LEU B 167 9.56 -5.92 18.21
N ALA B 168 9.51 -5.61 16.91
CA ALA B 168 8.29 -5.07 16.33
C ALA B 168 7.14 -6.06 16.46
N MET B 169 7.36 -7.31 16.03
CA MET B 169 6.35 -8.34 16.19
C MET B 169 6.12 -8.70 17.65
N GLY B 170 7.10 -8.45 18.51
CA GLY B 170 6.87 -8.60 19.94
C GLY B 170 5.88 -7.59 20.47
N GLU B 171 5.98 -6.35 19.99
CA GLU B 171 5.04 -5.31 20.42
C GLU B 171 3.68 -5.45 19.75
N VAL B 172 3.58 -6.19 18.65
CA VAL B 172 2.29 -6.41 18.01
C VAL B 172 1.51 -7.51 18.73
N LEU B 173 2.12 -8.69 18.86
CA LEU B 173 1.42 -9.84 19.43
C LEU B 173 1.06 -9.61 20.89
N ASN B 174 1.96 -8.96 21.65
CA ASN B 174 1.72 -8.78 23.07
C ASN B 174 0.54 -7.86 23.34
N GLU B 175 0.28 -6.91 22.46
CA GLU B 175 -0.90 -6.06 22.62
C GLU B 175 -2.17 -6.75 22.14
N GLN B 176 -2.05 -7.69 21.19
CA GLN B 176 -3.22 -8.41 20.70
C GLN B 176 -3.78 -9.32 21.79
N PHE B 177 -2.92 -10.04 22.50
CA PHE B 177 -3.35 -11.00 23.51
C PHE B 177 -3.35 -10.42 24.92
N GLY B 178 -2.86 -9.19 25.10
CA GLY B 178 -2.86 -8.58 26.41
C GLY B 178 -1.83 -9.12 27.39
N ARG B 179 -0.95 -10.01 26.93
CA ARG B 179 0.09 -10.58 27.79
C ARG B 179 1.33 -10.81 26.95
N THR B 180 2.38 -11.28 27.60
CA THR B 180 3.67 -11.49 26.95
C THR B 180 3.61 -12.78 26.13
N ILE B 181 3.46 -12.63 24.82
CA ILE B 181 3.56 -13.78 23.91
C ILE B 181 4.99 -13.99 23.46
N LEU B 182 5.65 -12.92 23.02
CA LEU B 182 7.07 -12.94 22.72
C LEU B 182 7.81 -12.08 23.73
N PRO B 183 8.66 -12.65 24.58
CA PRO B 183 9.34 -11.84 25.61
C PRO B 183 10.31 -10.86 24.98
N ILE B 184 10.20 -9.59 25.39
CA ILE B 184 11.04 -8.51 24.88
C ILE B 184 11.85 -7.83 25.97
N GLY B 185 11.76 -8.30 27.22
CA GLY B 185 12.46 -7.65 28.30
C GLY B 185 11.87 -6.32 28.72
N GLU B 186 10.55 -6.19 28.64
CA GLU B 186 9.86 -4.94 28.99
C GLU B 186 10.15 -4.50 30.42
N LEU C 6 -18.62 19.99 11.42
CA LEU C 6 -17.72 19.81 10.28
C LEU C 6 -18.49 19.81 8.97
N ALA C 7 -17.84 20.26 7.90
CA ALA C 7 -18.47 20.35 6.60
C ALA C 7 -18.73 18.94 6.03
N ASN C 8 -19.57 18.90 5.00
CA ASN C 8 -19.89 17.65 4.33
C ASN C 8 -18.98 17.48 3.12
N PRO C 9 -18.04 16.53 3.13
CA PRO C 9 -17.14 16.36 1.98
C PRO C 9 -17.71 15.50 0.86
N ALA C 10 -18.89 14.90 1.06
CA ALA C 10 -19.45 14.03 0.03
C ALA C 10 -19.73 14.74 -1.29
N PRO C 11 -20.30 15.95 -1.34
CA PRO C 11 -20.52 16.59 -2.65
C PRO C 11 -19.24 16.87 -3.41
N LEU C 12 -18.12 17.10 -2.72
CA LEU C 12 -16.86 17.33 -3.41
C LEU C 12 -16.41 16.07 -4.14
N GLY C 13 -16.52 14.91 -3.49
CA GLY C 13 -16.14 13.67 -4.16
C GLY C 13 -17.10 13.29 -5.27
N LEU C 14 -18.40 13.46 -5.04
CA LEU C 14 -19.37 13.18 -6.09
C LEU C 14 -19.20 14.14 -7.25
N MET C 15 -18.83 15.40 -6.97
CA MET C 15 -18.46 16.31 -8.05
C MET C 15 -17.16 15.89 -8.71
N GLY C 16 -16.18 15.45 -7.93
CA GLY C 16 -14.96 14.93 -8.51
C GLY C 16 -15.18 13.66 -9.29
N PHE C 17 -15.98 12.75 -8.74
CA PHE C 17 -16.35 11.54 -9.47
C PHE C 17 -17.25 11.87 -10.65
N GLY C 18 -18.19 12.80 -10.47
CA GLY C 18 -19.18 13.10 -11.49
C GLY C 18 -18.62 13.65 -12.79
N MET C 19 -17.90 14.78 -12.70
CA MET C 19 -17.36 15.37 -13.92
C MET C 19 -16.32 14.47 -14.59
N THR C 20 -15.56 13.71 -13.79
CA THR C 20 -14.55 12.83 -14.36
C THR C 20 -15.18 11.59 -14.99
N THR C 21 -16.27 11.09 -14.41
CA THR C 21 -16.98 9.97 -15.01
C THR C 21 -17.65 10.37 -16.32
N ILE C 22 -18.21 11.59 -16.35
CA ILE C 22 -18.90 12.06 -17.56
C ILE C 22 -17.91 12.20 -18.71
N LEU C 23 -16.77 12.85 -18.46
CA LEU C 23 -15.84 13.13 -19.54
C LEU C 23 -15.24 11.85 -20.12
N LEU C 24 -14.86 10.91 -19.25
CA LEU C 24 -14.28 9.66 -19.74
C LEU C 24 -15.24 8.92 -20.66
N ASN C 25 -16.53 8.95 -20.35
CA ASN C 25 -17.52 8.18 -21.09
C ASN C 25 -18.03 8.92 -22.33
N LEU C 26 -17.70 10.19 -22.50
CA LEU C 26 -17.89 10.81 -23.81
C LEU C 26 -16.93 10.20 -24.83
N HIS C 27 -15.75 9.77 -24.39
CA HIS C 27 -14.86 9.01 -25.25
C HIS C 27 -15.33 7.57 -25.42
N ASN C 28 -15.79 6.94 -24.32
CA ASN C 28 -16.28 5.58 -24.41
C ASN C 28 -17.54 5.49 -25.27
N ALA C 29 -18.35 6.56 -25.29
CA ALA C 29 -19.51 6.59 -26.17
C ALA C 29 -19.13 6.91 -27.62
N GLY C 30 -17.99 7.57 -27.84
CA GLY C 30 -17.51 7.87 -29.17
C GLY C 30 -17.53 9.33 -29.56
N PHE C 31 -17.90 10.23 -28.66
CA PHE C 31 -17.93 11.65 -29.01
C PHE C 31 -16.54 12.17 -29.34
N PHE C 32 -15.52 11.71 -28.60
CA PHE C 32 -14.15 12.16 -28.80
C PHE C 32 -13.21 10.98 -28.57
N ALA C 33 -11.92 11.24 -28.75
CA ALA C 33 -10.89 10.29 -28.38
C ALA C 33 -10.42 10.54 -26.95
N LEU C 34 -9.59 9.63 -26.44
CA LEU C 34 -9.09 9.72 -25.08
C LEU C 34 -8.15 10.92 -24.97
N ASP C 35 -8.75 12.09 -24.77
CA ASP C 35 -8.00 13.34 -24.71
C ASP C 35 -7.42 13.54 -23.32
N GLY C 36 -6.44 14.44 -23.23
CA GLY C 36 -5.86 14.80 -21.95
C GLY C 36 -6.79 15.55 -21.02
N ILE C 37 -7.91 16.05 -21.54
CA ILE C 37 -8.94 16.62 -20.67
C ILE C 37 -9.46 15.55 -19.72
N ILE C 38 -9.57 14.31 -20.20
CA ILE C 38 -9.92 13.21 -19.32
C ILE C 38 -8.77 12.89 -18.36
N LEU C 39 -7.53 13.03 -18.84
CA LEU C 39 -6.38 12.68 -18.01
C LEU C 39 -6.15 13.71 -16.91
N ALA C 40 -6.34 15.00 -17.24
CA ALA C 40 -6.13 16.04 -16.23
C ALA C 40 -7.17 15.96 -15.13
N MET C 41 -8.43 15.67 -15.48
CA MET C 41 -9.49 15.60 -14.49
C MET C 41 -9.35 14.37 -13.60
N GLY C 42 -8.84 13.27 -14.15
CA GLY C 42 -8.63 12.07 -13.35
C GLY C 42 -7.49 12.19 -12.36
N ILE C 43 -6.58 13.13 -12.58
CA ILE C 43 -5.45 13.32 -11.67
C ILE C 43 -5.83 14.21 -10.48
N PHE C 44 -6.52 15.32 -10.74
CA PHE C 44 -6.79 16.31 -9.70
C PHE C 44 -8.21 16.22 -9.14
N TYR C 45 -9.22 16.18 -10.00
CA TYR C 45 -10.61 16.19 -9.53
C TYR C 45 -11.09 14.79 -9.17
N GLY C 46 -11.18 13.91 -10.18
CA GLY C 46 -11.57 12.53 -9.91
C GLY C 46 -10.58 11.77 -9.07
N GLY C 47 -9.35 12.26 -8.95
CA GLY C 47 -8.30 11.65 -8.18
C GLY C 47 -8.14 12.35 -6.85
N ILE C 48 -7.31 13.40 -6.82
CA ILE C 48 -6.90 14.00 -5.56
C ILE C 48 -8.07 14.66 -4.85
N ALA C 49 -8.95 15.34 -5.59
CA ALA C 49 -10.09 15.98 -4.96
C ALA C 49 -11.07 14.96 -4.40
N GLN C 50 -11.16 13.78 -5.00
CA GLN C 50 -11.97 12.72 -4.42
C GLN C 50 -11.23 11.99 -3.31
N ILE C 51 -9.90 11.89 -3.40
CA ILE C 51 -9.11 11.38 -2.29
C ILE C 51 -9.34 12.26 -1.06
N PHE C 52 -9.40 13.58 -1.25
CA PHE C 52 -9.69 14.48 -0.15
C PHE C 52 -11.07 14.23 0.43
N ALA C 53 -12.06 13.95 -0.43
CA ALA C 53 -13.40 13.67 0.06
C ALA C 53 -13.44 12.40 0.89
N GLY C 54 -12.63 11.40 0.55
CA GLY C 54 -12.61 10.17 1.33
C GLY C 54 -11.94 10.35 2.67
N LEU C 55 -10.78 11.02 2.69
CA LEU C 55 -10.07 11.22 3.94
C LEU C 55 -10.85 12.11 4.90
N LEU C 56 -11.71 12.98 4.37
CA LEU C 56 -12.50 13.85 5.23
C LEU C 56 -13.71 13.15 5.83
N GLU C 57 -14.14 12.02 5.26
CA GLU C 57 -15.18 11.22 5.89
C GLU C 57 -14.68 10.47 7.11
N TYR C 58 -13.37 10.49 7.36
CA TYR C 58 -12.82 9.78 8.51
C TYR C 58 -13.30 10.40 9.81
N LYS C 59 -13.11 11.72 9.97
CA LYS C 59 -13.61 12.41 11.16
C LYS C 59 -15.13 12.49 11.18
N LYS C 60 -15.80 12.08 10.11
CA LYS C 60 -17.26 12.07 10.05
C LYS C 60 -17.85 10.72 10.46
N GLY C 61 -17.01 9.73 10.74
CA GLY C 61 -17.49 8.41 11.10
C GLY C 61 -18.14 7.64 9.98
N ASN C 62 -18.07 8.13 8.74
CA ASN C 62 -18.72 7.50 7.59
C ASN C 62 -17.76 6.51 6.98
N THR C 63 -17.87 5.24 7.39
CA THR C 63 -17.01 4.20 6.85
C THR C 63 -17.25 4.02 5.34
N PHE C 64 -18.49 4.17 4.90
CA PHE C 64 -18.79 4.04 3.48
C PHE C 64 -18.15 5.16 2.68
N GLY C 65 -18.24 6.40 3.17
CA GLY C 65 -17.66 7.52 2.44
C GLY C 65 -16.15 7.45 2.36
N LEU C 66 -15.50 7.06 3.45
CA LEU C 66 -14.05 6.86 3.41
C LEU C 66 -13.67 5.75 2.43
N THR C 67 -14.46 4.68 2.39
CA THR C 67 -14.17 3.57 1.49
C THR C 67 -14.49 3.91 0.04
N ALA C 68 -15.60 4.61 -0.20
CA ALA C 68 -16.03 4.88 -1.56
C ALA C 68 -15.11 5.89 -2.25
N PHE C 69 -14.96 7.07 -1.66
CA PHE C 69 -14.26 8.15 -2.33
C PHE C 69 -12.77 7.86 -2.47
N THR C 70 -12.14 7.31 -1.44
CA THR C 70 -10.72 7.02 -1.52
C THR C 70 -10.42 5.89 -2.50
N SER C 71 -11.30 4.90 -2.60
CA SER C 71 -11.09 3.81 -3.54
C SER C 71 -11.24 4.29 -4.98
N TYR C 72 -12.38 4.92 -5.30
CA TYR C 72 -12.58 5.40 -6.66
C TYR C 72 -11.65 6.56 -7.01
N GLY C 73 -11.27 7.36 -6.01
CA GLY C 73 -10.24 8.35 -6.24
C GLY C 73 -8.92 7.72 -6.65
N SER C 74 -8.55 6.63 -5.98
CA SER C 74 -7.36 5.88 -6.38
C SER C 74 -7.56 5.19 -7.72
N PHE C 75 -8.80 4.81 -8.05
CA PHE C 75 -9.08 4.18 -9.34
C PHE C 75 -8.74 5.11 -10.49
N TRP C 76 -9.13 6.38 -10.38
CA TRP C 76 -8.81 7.34 -11.44
C TRP C 76 -7.31 7.56 -11.55
N LEU C 77 -6.59 7.52 -10.42
CA LEU C 77 -5.14 7.65 -10.46
C LEU C 77 -4.51 6.42 -11.10
N THR C 78 -5.09 5.23 -10.88
CA THR C 78 -4.60 4.04 -11.56
C THR C 78 -4.95 4.05 -13.04
N LEU C 79 -6.12 4.60 -13.39
CA LEU C 79 -6.53 4.66 -14.79
C LEU C 79 -5.58 5.54 -15.59
N VAL C 80 -5.29 6.74 -15.09
CA VAL C 80 -4.39 7.65 -15.78
C VAL C 80 -2.98 7.07 -15.84
N ALA C 81 -2.57 6.37 -14.78
CA ALA C 81 -1.24 5.77 -14.77
C ALA C 81 -1.11 4.68 -15.83
N ILE C 82 -2.18 3.90 -16.04
CA ILE C 82 -2.15 2.87 -17.07
C ILE C 82 -1.99 3.51 -18.45
N LEU C 83 -2.64 4.64 -18.68
CA LEU C 83 -2.65 5.26 -20.00
C LEU C 83 -1.41 6.11 -20.29
N LEU C 84 -0.72 6.59 -19.25
CA LEU C 84 0.39 7.50 -19.44
C LEU C 84 1.76 6.85 -19.26
N MET C 85 1.86 5.76 -18.51
CA MET C 85 3.15 5.09 -18.35
C MET C 85 3.75 4.65 -19.69
N PRO C 86 2.99 4.11 -20.65
CA PRO C 86 3.60 3.86 -21.97
C PRO C 86 4.09 5.12 -22.65
N LYS C 87 3.34 6.22 -22.55
CA LYS C 87 3.80 7.49 -23.14
C LYS C 87 5.07 7.99 -22.46
N MET C 88 5.37 7.50 -21.26
CA MET C 88 6.64 7.77 -20.59
C MET C 88 7.68 6.70 -20.90
N GLY C 89 7.34 5.70 -21.72
CA GLY C 89 8.25 4.61 -22.02
C GLY C 89 8.47 3.63 -20.88
N LEU C 90 7.73 3.77 -19.78
CA LEU C 90 7.96 2.91 -18.62
C LEU C 90 7.42 1.50 -18.84
N THR C 91 6.21 1.38 -19.40
CA THR C 91 5.55 0.09 -19.52
C THR C 91 5.15 -0.18 -20.96
N GLU C 92 4.43 -1.28 -21.17
CA GLU C 92 3.76 -1.56 -22.42
C GLU C 92 2.32 -1.08 -22.35
N ALA C 93 1.71 -0.88 -23.51
CA ALA C 93 0.29 -0.56 -23.54
C ALA C 93 -0.50 -1.72 -22.96
N PRO C 94 -1.58 -1.46 -22.21
CA PRO C 94 -2.22 -2.52 -21.43
C PRO C 94 -2.89 -3.57 -22.30
N ASN C 95 -2.95 -4.78 -21.76
CA ASN C 95 -3.70 -5.86 -22.38
C ASN C 95 -5.17 -5.71 -22.03
N ALA C 96 -6.03 -5.68 -23.05
CA ALA C 96 -7.43 -5.33 -22.83
C ALA C 96 -8.14 -6.35 -21.95
N GLN C 97 -7.68 -7.60 -21.95
CA GLN C 97 -8.26 -8.59 -21.04
C GLN C 97 -7.83 -8.33 -19.60
N PHE C 98 -6.56 -7.95 -19.40
CA PHE C 98 -6.14 -7.52 -18.08
C PHE C 98 -6.84 -6.24 -17.67
N LEU C 99 -7.15 -5.37 -18.64
CA LEU C 99 -7.96 -4.19 -18.36
C LEU C 99 -9.40 -4.58 -18.05
N GLY C 100 -9.92 -5.62 -18.70
CA GLY C 100 -11.27 -6.07 -18.40
C GLY C 100 -11.39 -6.65 -17.01
N ALA C 101 -10.44 -7.51 -16.62
CA ALA C 101 -10.44 -8.04 -15.26
C ALA C 101 -10.23 -6.94 -14.23
N TYR C 102 -9.35 -5.98 -14.56
CA TYR C 102 -9.15 -4.82 -13.69
C TYR C 102 -10.43 -4.00 -13.58
N LEU C 103 -11.07 -3.72 -14.71
CA LEU C 103 -12.40 -3.13 -14.68
C LEU C 103 -13.43 -4.09 -14.07
N GLY C 104 -13.18 -5.40 -14.14
CA GLY C 104 -14.11 -6.37 -13.56
C GLY C 104 -13.99 -6.43 -12.04
N LEU C 105 -12.77 -6.36 -11.52
CA LEU C 105 -12.57 -6.37 -10.07
C LEU C 105 -13.19 -5.12 -9.45
N TRP C 106 -13.06 -3.97 -10.13
CA TRP C 106 -13.70 -2.76 -9.63
C TRP C 106 -15.22 -2.85 -9.69
N GLY C 107 -15.75 -3.65 -10.61
CA GLY C 107 -17.18 -3.90 -10.61
C GLY C 107 -17.61 -4.74 -9.42
N VAL C 108 -16.78 -5.71 -9.03
CA VAL C 108 -17.08 -6.52 -7.85
C VAL C 108 -17.09 -5.64 -6.61
N PHE C 109 -16.12 -4.74 -6.47
CA PHE C 109 -16.13 -3.79 -5.38
C PHE C 109 -17.37 -2.92 -5.44
N THR C 110 -17.69 -2.39 -6.62
CA THR C 110 -18.89 -1.58 -6.77
C THR C 110 -20.16 -2.36 -6.48
N LEU C 111 -20.16 -3.67 -6.80
CA LEU C 111 -21.35 -4.48 -6.58
C LEU C 111 -21.67 -4.59 -5.09
N PHE C 112 -20.68 -5.02 -4.28
CA PHE C 112 -20.91 -5.13 -2.85
C PHE C 112 -21.22 -3.78 -2.22
N MET C 113 -20.60 -2.70 -2.72
CA MET C 113 -20.90 -1.37 -2.19
C MET C 113 -22.28 -0.90 -2.57
N PHE C 114 -22.88 -1.45 -3.64
CA PHE C 114 -24.27 -1.12 -3.96
C PHE C 114 -25.20 -1.69 -2.90
N PHE C 115 -24.93 -2.90 -2.42
CA PHE C 115 -25.72 -3.45 -1.32
C PHE C 115 -25.56 -2.62 -0.05
N GLY C 116 -24.42 -1.95 0.11
CA GLY C 116 -24.23 -1.05 1.23
C GLY C 116 -25.01 0.24 1.12
N THR C 117 -25.60 0.53 -0.04
CA THR C 117 -26.40 1.72 -0.23
C THR C 117 -27.89 1.47 -0.04
N LEU C 118 -28.31 0.21 0.15
CA LEU C 118 -29.73 -0.09 0.24
C LEU C 118 -30.39 0.67 1.37
N LYS C 119 -29.72 0.79 2.51
CA LYS C 119 -30.18 1.66 3.59
C LYS C 119 -29.46 3.00 3.49
N ALA C 120 -29.90 3.78 2.50
CA ALA C 120 -29.33 5.10 2.23
C ALA C 120 -30.24 5.80 1.23
N ALA C 121 -29.85 7.01 0.84
CA ALA C 121 -30.61 7.77 -0.13
C ALA C 121 -30.56 7.08 -1.49
N ARG C 122 -31.68 7.15 -2.23
CA ARG C 122 -31.80 6.42 -3.48
C ARG C 122 -31.00 7.05 -4.61
N ALA C 123 -30.69 8.34 -4.53
CA ALA C 123 -29.82 8.95 -5.53
C ALA C 123 -28.41 8.37 -5.44
N LEU C 124 -27.97 7.99 -4.23
CA LEU C 124 -26.69 7.30 -4.10
C LEU C 124 -26.79 5.84 -4.56
N GLN C 125 -27.97 5.22 -4.36
CA GLN C 125 -28.16 3.86 -4.85
C GLN C 125 -28.12 3.81 -6.38
N PHE C 126 -28.73 4.81 -7.03
CA PHE C 126 -28.68 4.89 -8.48
C PHE C 126 -27.26 5.10 -8.99
N VAL C 127 -26.45 5.86 -8.25
CA VAL C 127 -25.06 6.08 -8.65
C VAL C 127 -24.30 4.77 -8.62
N PHE C 128 -24.40 4.03 -7.51
CA PHE C 128 -23.65 2.78 -7.38
C PHE C 128 -24.24 1.66 -8.23
N LEU C 129 -25.52 1.74 -8.58
CA LEU C 129 -26.09 0.76 -9.50
C LEU C 129 -25.62 1.02 -10.93
N SER C 130 -25.68 2.28 -11.37
CA SER C 130 -25.17 2.63 -12.69
C SER C 130 -23.66 2.43 -12.78
N LEU C 131 -22.94 2.67 -11.68
CA LEU C 131 -21.50 2.40 -11.67
C LEU C 131 -21.22 0.91 -11.76
N THR C 132 -22.11 0.08 -11.19
CA THR C 132 -21.95 -1.37 -11.34
C THR C 132 -22.21 -1.79 -12.79
N VAL C 133 -23.26 -1.25 -13.41
CA VAL C 133 -23.50 -1.51 -14.81
C VAL C 133 -22.35 -0.97 -15.66
N LEU C 134 -21.83 0.20 -15.29
CA LEU C 134 -20.72 0.79 -16.01
C LEU C 134 -19.49 -0.11 -15.97
N PHE C 135 -19.08 -0.53 -14.78
CA PHE C 135 -17.91 -1.38 -14.65
C PHE C 135 -18.14 -2.77 -15.26
N ALA C 136 -19.37 -3.28 -15.18
CA ALA C 136 -19.65 -4.60 -15.73
C ALA C 136 -19.64 -4.59 -17.25
N LEU C 137 -20.20 -3.53 -17.86
CA LEU C 137 -20.18 -3.43 -19.31
C LEU C 137 -18.78 -3.17 -19.83
N LEU C 138 -18.00 -2.34 -19.13
CA LEU C 138 -16.63 -2.08 -19.54
C LEU C 138 -15.76 -3.33 -19.42
N ALA C 139 -16.06 -4.21 -18.46
CA ALA C 139 -15.26 -5.41 -18.26
C ALA C 139 -15.49 -6.41 -19.37
N PHE C 140 -16.77 -6.71 -19.67
CA PHE C 140 -17.07 -7.66 -20.74
C PHE C 140 -16.70 -7.07 -22.11
N GLY C 141 -16.87 -5.76 -22.28
CA GLY C 141 -16.57 -5.15 -23.55
C GLY C 141 -15.09 -5.20 -23.90
N ASN C 142 -14.22 -5.10 -22.90
CA ASN C 142 -12.78 -5.18 -23.15
C ASN C 142 -12.32 -6.62 -23.31
N ILE C 143 -12.87 -7.54 -22.51
CA ILE C 143 -12.48 -8.94 -22.61
C ILE C 143 -12.92 -9.54 -23.93
N ALA C 144 -14.14 -9.23 -24.36
CA ALA C 144 -14.67 -9.77 -25.61
C ALA C 144 -14.17 -9.05 -26.84
N GLY C 145 -13.54 -7.88 -26.68
CA GLY C 145 -13.17 -7.09 -27.84
C GLY C 145 -14.36 -6.53 -28.59
N ASN C 146 -15.43 -6.19 -27.88
CA ASN C 146 -16.67 -5.72 -28.48
C ASN C 146 -16.76 -4.22 -28.27
N GLU C 147 -16.43 -3.45 -29.31
CA GLU C 147 -16.48 -2.00 -29.22
C GLU C 147 -17.90 -1.48 -29.04
N ALA C 148 -18.91 -2.25 -29.46
CA ALA C 148 -20.29 -1.81 -29.30
C ALA C 148 -20.68 -1.71 -27.83
N VAL C 149 -20.27 -2.70 -27.03
CA VAL C 149 -20.60 -2.68 -25.60
C VAL C 149 -19.90 -1.52 -24.89
N ILE C 150 -18.68 -1.18 -25.32
CA ILE C 150 -17.99 -0.02 -24.76
C ILE C 150 -18.76 1.25 -25.09
N HIS C 151 -19.35 1.32 -26.28
CA HIS C 151 -20.23 2.43 -26.60
C HIS C 151 -21.43 2.45 -25.67
N VAL C 152 -21.93 1.28 -25.29
CA VAL C 152 -23.06 1.21 -24.37
C VAL C 152 -22.64 1.64 -22.97
N ALA C 153 -21.48 1.16 -22.51
CA ALA C 153 -20.99 1.56 -21.19
C ALA C 153 -20.76 3.07 -21.11
N GLY C 154 -20.41 3.69 -22.23
CA GLY C 154 -20.23 5.14 -22.23
C GLY C 154 -21.50 5.88 -21.86
N TRP C 155 -22.62 5.51 -22.49
CA TRP C 155 -23.88 6.17 -22.20
C TRP C 155 -24.37 5.86 -20.79
N ILE C 156 -24.04 4.68 -20.26
CA ILE C 156 -24.33 4.39 -18.86
C ILE C 156 -23.45 5.24 -17.95
N GLY C 157 -22.19 5.45 -18.34
CA GLY C 157 -21.31 6.30 -17.56
C GLY C 157 -21.72 7.76 -17.57
N LEU C 158 -22.28 8.23 -18.68
CA LEU C 158 -22.82 9.59 -18.71
C LEU C 158 -23.99 9.75 -17.74
N VAL C 159 -24.88 8.76 -17.71
CA VAL C 159 -25.98 8.78 -16.75
C VAL C 159 -25.44 8.62 -15.33
N CYS C 160 -24.40 7.79 -15.16
CA CYS C 160 -23.82 7.60 -13.85
C CYS C 160 -23.16 8.87 -13.33
N GLY C 161 -22.37 9.53 -14.19
CA GLY C 161 -21.69 10.75 -13.77
C GLY C 161 -22.62 11.93 -13.58
N ALA C 162 -23.71 11.99 -14.35
CA ALA C 162 -24.67 13.08 -14.19
C ALA C 162 -25.41 12.95 -12.86
N SER C 163 -25.88 11.75 -12.54
CA SER C 163 -26.61 11.55 -11.30
C SER C 163 -25.71 11.74 -10.08
N ALA C 164 -24.40 11.53 -10.23
CA ALA C 164 -23.48 11.79 -9.13
C ALA C 164 -23.32 13.27 -8.89
N ILE C 165 -23.25 14.07 -9.96
CA ILE C 165 -23.23 15.52 -9.83
C ILE C 165 -24.54 16.03 -9.23
N TYR C 166 -25.66 15.38 -9.60
CA TYR C 166 -26.95 15.77 -9.07
C TYR C 166 -26.99 15.64 -7.55
N LEU C 167 -26.58 14.48 -7.02
CA LEU C 167 -26.57 14.28 -5.58
C LEU C 167 -25.58 15.22 -4.91
N ALA C 168 -24.45 15.48 -5.56
CA ALA C 168 -23.49 16.44 -5.02
C ALA C 168 -24.12 17.81 -4.86
N MET C 169 -24.76 18.31 -5.92
CA MET C 169 -25.47 19.59 -5.84
C MET C 169 -26.80 19.46 -5.12
N GLY C 170 -27.34 18.25 -5.01
CA GLY C 170 -28.54 18.05 -4.21
C GLY C 170 -28.27 18.18 -2.73
N GLU C 171 -27.12 17.68 -2.27
CA GLU C 171 -26.78 17.78 -0.86
C GLU C 171 -26.41 19.20 -0.47
N VAL C 172 -25.68 19.90 -1.35
CA VAL C 172 -25.27 21.27 -1.02
C VAL C 172 -26.47 22.20 -0.96
N LEU C 173 -27.30 22.18 -2.02
CA LEU C 173 -28.44 23.10 -2.08
C LEU C 173 -29.46 22.81 -0.99
N ASN C 174 -29.52 21.58 -0.50
CA ASN C 174 -30.43 21.25 0.60
C ASN C 174 -29.88 21.73 1.94
N GLU C 175 -28.56 21.75 2.10
CA GLU C 175 -27.98 22.23 3.36
C GLU C 175 -27.93 23.75 3.41
N GLN C 176 -27.70 24.41 2.26
CA GLN C 176 -27.62 25.87 2.25
C GLN C 176 -28.95 26.49 2.67
N PHE C 177 -30.07 25.91 2.24
CA PHE C 177 -31.38 26.45 2.53
C PHE C 177 -32.11 25.71 3.64
N GLY C 178 -31.57 24.59 4.13
CA GLY C 178 -32.21 23.84 5.18
C GLY C 178 -33.50 23.15 4.77
N ARG C 179 -33.79 23.06 3.48
CA ARG C 179 -34.97 22.38 2.99
C ARG C 179 -34.63 21.66 1.69
N THR C 180 -35.54 20.80 1.25
CA THR C 180 -35.33 20.00 0.04
C THR C 180 -35.46 20.89 -1.18
N ILE C 181 -34.33 21.30 -1.75
CA ILE C 181 -34.32 22.01 -3.02
C ILE C 181 -34.27 21.04 -4.18
N LEU C 182 -33.49 19.98 -4.05
CA LEU C 182 -33.41 18.91 -5.05
C LEU C 182 -33.70 17.58 -4.37
N PRO C 183 -34.83 16.93 -4.67
CA PRO C 183 -35.15 15.67 -3.99
C PRO C 183 -34.23 14.55 -4.45
N ILE C 184 -33.63 13.86 -3.47
CA ILE C 184 -32.66 12.80 -3.73
C ILE C 184 -33.18 11.43 -3.35
N GLY C 185 -34.40 11.33 -2.84
CA GLY C 185 -34.98 10.05 -2.51
C GLY C 185 -34.59 9.52 -1.14
N GLU C 186 -34.71 10.38 -0.13
CA GLU C 186 -34.33 10.04 1.24
C GLU C 186 -35.23 8.93 1.79
#